data_8K72
#
_entry.id   8K72
#
_cell.length_a   86.610
_cell.length_b   86.610
_cell.length_c   145.050
_cell.angle_alpha   90.000
_cell.angle_beta   90.000
_cell.angle_gamma   90.000
#
_symmetry.space_group_name_H-M   'P 41 21 2'
#
loop_
_entity.id
_entity.type
_entity.pdbx_description
1 polymer 'Hypoxia-inducible factor 1-alpha inhibitor'
2 non-polymer 'SULFATE ION'
3 non-polymer GLYCEROL
4 non-polymer 'ZINC ION'
5 non-polymer '2-[(2~{Z})-3-oxidanyl-2-[3-(phenylsulfonylamino)propanoylimino]-1,3-thiazol-4-yl]ethanoic acid'
6 water water
#
_entity_poly.entity_id   1
_entity_poly.type   'polypeptide(L)'
_entity_poly.pdbx_seq_one_letter_code
;MAATAAEAVASGSGEPREEAGALGPAWDESQLRSYSFPTRPIPRLSQSDPRAEELIENEEPVVLTDTNLVYPALKWDLEY
LQENIGNGDFSVYSASTHKFLYYDEKKMANFQNFKPRSNREEMKFHEFVEKLQDIQQRGGEERLYLQQTLNDTVGRKIVM
DFLGFNWNWINKQQGKRGWGQLTSNLLLIGMEGNVTPAHYDEQQNFFAQIKGYKRCILFPPDQFECLYPYPVHHPCDRQS
QVDFDNPDYERFPNFQNVVGYETVVGPGDVLYIPMYWWHHIESLLNGGITITVNFWYKGAPTPKRIEYPLKAHQKVAIMR
NIEKMLGEALGNPQEVGPLLNTMIKGRYN
;
_entity_poly.pdbx_strand_id   A
#
# COMPACT_ATOMS: atom_id res chain seq x y z
N GLY A 12 -2.71 -3.53 19.61
CA GLY A 12 -2.69 -3.04 18.25
C GLY A 12 -1.70 -1.91 18.01
N SER A 13 -2.22 -0.73 17.66
CA SER A 13 -1.40 0.48 17.47
C SER A 13 -0.96 1.10 18.77
N GLY A 14 -1.26 0.44 19.90
CA GLY A 14 -0.89 0.96 21.18
C GLY A 14 -1.69 2.19 21.57
N GLU A 15 -1.26 2.79 22.67
CA GLU A 15 -1.87 4.03 23.13
C GLU A 15 -1.67 5.13 22.08
N PRO A 16 -2.72 5.85 21.70
CA PRO A 16 -2.56 6.91 20.69
C PRO A 16 -1.68 8.03 21.21
N ARG A 17 -0.90 8.60 20.30
CA ARG A 17 0.07 9.62 20.70
C ARG A 17 -0.62 10.93 21.04
N GLU A 18 -0.03 11.66 21.99
CA GLU A 18 -0.49 12.99 22.35
C GLU A 18 0.25 14.02 21.51
N GLU A 19 -0.50 14.98 20.97
CA GLU A 19 0.10 15.99 20.13
C GLU A 19 0.67 17.14 20.96
N ALA A 20 1.61 17.86 20.36
CA ALA A 20 2.28 18.96 21.04
C ALA A 20 1.32 20.10 21.33
N GLY A 21 1.68 20.92 22.31
CA GLY A 21 0.81 22.01 22.71
C GLY A 21 -0.46 21.57 23.38
N ALA A 22 -0.51 20.35 23.92
CA ALA A 22 -1.67 19.84 24.63
C ALA A 22 -2.91 19.86 23.73
N LEU A 23 -2.71 19.60 22.44
CA LEU A 23 -3.78 19.62 21.46
C LEU A 23 -4.60 18.33 21.45
N GLY A 24 -4.48 17.50 22.48
CA GLY A 24 -5.32 16.34 22.62
C GLY A 24 -4.79 15.13 21.88
N PRO A 25 -5.47 13.99 22.03
CA PRO A 25 -5.03 12.77 21.36
C PRO A 25 -5.18 12.90 19.84
N ALA A 26 -4.17 12.40 19.13
CA ALA A 26 -4.21 12.43 17.67
C ALA A 26 -5.41 11.65 17.13
N TRP A 27 -5.68 10.48 17.70
CA TRP A 27 -6.83 9.68 17.32
C TRP A 27 -7.30 8.90 18.54
N ASP A 28 -8.45 8.26 18.42
CA ASP A 28 -8.93 7.33 19.43
C ASP A 28 -9.39 6.05 18.74
N GLU A 29 -9.49 4.98 19.52
CA GLU A 29 -9.69 3.65 18.95
C GLU A 29 -10.97 3.57 18.11
N SER A 30 -11.97 4.41 18.40
CA SER A 30 -13.23 4.35 17.65
C SER A 30 -13.07 4.73 16.20
N GLN A 31 -11.95 5.33 15.80
CA GLN A 31 -11.69 5.61 14.39
C GLN A 31 -11.09 4.43 13.65
N LEU A 32 -10.79 3.34 14.34
CA LEU A 32 -10.22 2.15 13.74
C LEU A 32 -11.32 1.14 13.46
N ARG A 33 -11.26 0.50 12.30
CA ARG A 33 -12.20 -0.56 12.00
C ARG A 33 -11.85 -1.80 12.81
N SER A 34 -12.77 -2.75 12.86
CA SER A 34 -12.64 -3.94 13.68
C SER A 34 -12.38 -5.16 12.79
N TYR A 35 -11.44 -6.01 13.23
CA TYR A 35 -11.06 -7.18 12.45
C TYR A 35 -10.87 -8.36 13.39
N SER A 36 -10.74 -9.55 12.80
CA SER A 36 -10.74 -10.80 13.55
C SER A 36 -9.38 -11.22 14.07
N PHE A 37 -8.31 -10.66 13.54
CA PHE A 37 -6.97 -11.12 13.84
C PHE A 37 -6.28 -10.21 14.85
N PRO A 38 -5.31 -10.74 15.58
CA PRO A 38 -4.50 -9.89 16.47
C PRO A 38 -3.34 -9.25 15.74
N THR A 39 -2.90 -8.12 16.28
CA THR A 39 -1.79 -7.36 15.71
C THR A 39 -0.83 -6.96 16.82
N ARG A 40 0.42 -6.76 16.42
CA ARG A 40 1.45 -6.22 17.29
C ARG A 40 2.02 -4.94 16.68
N PRO A 41 2.55 -4.03 17.49
CA PRO A 41 2.91 -2.70 16.98
C PRO A 41 4.20 -2.73 16.16
N ILE A 42 4.17 -2.09 15.00
CA ILE A 42 5.40 -1.74 14.29
C ILE A 42 6.17 -0.71 15.10
N PRO A 43 7.48 -0.88 15.30
CA PRO A 43 8.21 0.08 16.13
C PRO A 43 8.26 1.47 15.51
N ARG A 44 8.17 2.49 16.36
CA ARG A 44 8.31 3.88 15.97
C ARG A 44 9.64 4.38 16.49
N LEU A 45 10.58 4.62 15.58
CA LEU A 45 11.95 4.95 15.94
C LEU A 45 12.39 6.22 15.22
N SER A 46 13.59 6.66 15.55
N SER A 46 13.58 6.70 15.56
CA SER A 46 14.25 7.78 14.88
CA SER A 46 14.21 7.79 14.85
C SER A 46 15.26 7.24 13.87
C SER A 46 15.24 7.24 13.87
N GLN A 47 15.42 7.97 12.77
CA GLN A 47 16.38 7.53 11.75
C GLN A 47 17.81 7.55 12.28
N SER A 48 18.07 8.28 13.36
CA SER A 48 19.36 8.21 14.04
C SER A 48 19.53 6.93 14.85
N ASP A 49 18.43 6.25 15.18
CA ASP A 49 18.49 5.06 16.00
C ASP A 49 18.97 3.88 15.16
N PRO A 50 20.10 3.25 15.51
CA PRO A 50 20.57 2.10 14.72
C PRO A 50 19.59 0.95 14.65
N ARG A 51 18.66 0.84 15.61
CA ARG A 51 17.64 -0.20 15.53
C ARG A 51 16.82 -0.07 14.26
N ALA A 52 16.47 1.15 13.88
CA ALA A 52 15.72 1.36 12.65
C ALA A 52 16.56 1.00 11.43
N GLU A 53 17.85 1.34 11.46
CA GLU A 53 18.76 0.95 10.40
C GLU A 53 18.83 -0.57 10.27
N GLU A 54 18.71 -1.28 11.40
CA GLU A 54 18.75 -2.74 11.37
C GLU A 54 17.47 -3.33 10.80
N LEU A 55 16.32 -2.78 11.18
CA LEU A 55 15.05 -3.30 10.66
C LEU A 55 14.97 -3.15 9.15
N ILE A 56 15.39 -1.99 8.62
CA ILE A 56 15.35 -1.77 7.18
C ILE A 56 16.27 -2.75 6.46
N GLU A 57 17.45 -3.00 7.04
CA GLU A 57 18.39 -3.93 6.42
C GLU A 57 17.84 -5.35 6.45
N ASN A 58 17.15 -5.73 7.52
CA ASN A 58 16.51 -7.04 7.62
C ASN A 58 15.18 -7.11 6.89
N GLU A 59 14.81 -6.05 6.17
CA GLU A 59 13.53 -6.00 5.46
C GLU A 59 12.35 -6.26 6.38
N GLU A 60 12.38 -5.62 7.56
CA GLU A 60 11.27 -5.58 8.48
C GLU A 60 10.73 -4.16 8.56
N PRO A 61 9.42 -3.98 8.71
CA PRO A 61 8.87 -2.62 8.72
C PRO A 61 9.31 -1.83 9.94
N VAL A 62 9.42 -0.52 9.75
CA VAL A 62 9.72 0.40 10.83
C VAL A 62 9.08 1.73 10.47
N VAL A 63 8.64 2.46 11.48
CA VAL A 63 8.12 3.81 11.31
C VAL A 63 9.18 4.78 11.79
N LEU A 64 9.68 5.61 10.87
CA LEU A 64 10.66 6.63 11.18
C LEU A 64 9.95 7.95 11.44
N THR A 65 10.22 8.55 12.59
CA THR A 65 9.47 9.71 13.05
C THR A 65 10.10 11.05 12.67
N ASP A 66 11.32 11.07 12.15
CA ASP A 66 12.05 12.32 12.03
C ASP A 66 12.99 12.29 10.82
N THR A 67 12.50 11.81 9.68
CA THR A 67 13.30 11.88 8.46
C THR A 67 13.21 13.25 7.80
N ASN A 68 12.14 14.00 8.04
CA ASN A 68 11.86 15.22 7.30
C ASN A 68 11.83 14.95 5.81
N LEU A 69 11.42 13.74 5.43
CA LEU A 69 11.48 13.32 4.03
C LEU A 69 10.62 14.23 3.16
N VAL A 70 9.40 14.50 3.59
CA VAL A 70 8.49 15.34 2.81
C VAL A 70 8.14 16.57 3.63
N TYR A 71 9.12 17.12 4.34
CA TYR A 71 8.90 18.30 5.17
C TYR A 71 8.23 19.46 4.43
N PRO A 72 8.63 19.82 3.21
CA PRO A 72 7.93 20.92 2.52
C PRO A 72 6.50 20.57 2.13
N ALA A 73 6.17 19.28 2.05
CA ALA A 73 4.83 18.87 1.66
C ALA A 73 3.84 18.90 2.82
N LEU A 74 4.31 19.02 4.05
CA LEU A 74 3.40 18.94 5.20
C LEU A 74 2.37 20.06 5.20
N LYS A 75 2.65 21.16 4.49
CA LYS A 75 1.70 22.26 4.39
C LYS A 75 0.63 22.01 3.33
N TRP A 76 0.71 20.91 2.59
CA TRP A 76 -0.25 20.66 1.52
C TRP A 76 -1.65 20.41 2.07
N ASP A 77 -2.63 21.02 1.41
CA ASP A 77 -4.03 20.64 1.56
C ASP A 77 -4.68 20.77 0.20
N LEU A 78 -6.01 20.64 0.16
CA LEU A 78 -6.71 20.66 -1.12
C LEU A 78 -6.57 22.00 -1.82
N GLU A 79 -6.56 23.09 -1.06
CA GLU A 79 -6.51 24.43 -1.66
C GLU A 79 -5.14 24.73 -2.25
N TYR A 80 -4.08 24.51 -1.46
CA TYR A 80 -2.73 24.79 -1.94
C TYR A 80 -2.38 23.93 -3.15
N LEU A 81 -2.74 22.65 -3.13
CA LEU A 81 -2.42 21.76 -4.25
C LEU A 81 -3.16 22.19 -5.51
N GLN A 82 -4.47 22.43 -5.40
CA GLN A 82 -5.25 22.83 -6.57
C GLN A 82 -4.68 24.07 -7.25
N GLU A 83 -4.09 24.98 -6.46
CA GLU A 83 -3.55 26.20 -7.04
C GLU A 83 -2.24 25.96 -7.78
N ASN A 84 -1.44 25.00 -7.33
CA ASN A 84 -0.08 24.84 -7.81
C ASN A 84 0.22 23.48 -8.44
N ILE A 85 -0.70 22.52 -8.37
CA ILE A 85 -0.38 21.20 -8.89
C ILE A 85 -0.35 21.18 -10.42
N GLY A 86 -0.95 22.16 -11.08
CA GLY A 86 -0.95 22.22 -12.53
C GLY A 86 -2.26 21.73 -13.12
N ASN A 87 -2.27 21.71 -14.46
CA ASN A 87 -3.45 21.36 -15.22
C ASN A 87 -3.38 19.94 -15.79
N GLY A 88 -2.66 19.04 -15.12
CA GLY A 88 -2.54 17.68 -15.60
C GLY A 88 -3.76 16.83 -15.27
N ASP A 89 -3.76 15.62 -15.84
CA ASP A 89 -4.82 14.66 -15.57
C ASP A 89 -4.45 13.79 -14.38
N PHE A 90 -5.42 13.53 -13.51
CA PHE A 90 -5.23 12.76 -12.29
C PHE A 90 -6.14 11.55 -12.29
N SER A 91 -5.56 10.37 -12.12
CA SER A 91 -6.35 9.16 -11.95
C SER A 91 -7.13 9.23 -10.65
N VAL A 92 -8.45 9.08 -10.74
CA VAL A 92 -9.34 9.17 -9.58
C VAL A 92 -10.23 7.94 -9.58
N TYR A 93 -10.08 7.09 -8.57
CA TYR A 93 -10.82 5.85 -8.45
C TYR A 93 -12.06 6.07 -7.58
N SER A 94 -13.22 5.64 -8.06
CA SER A 94 -14.48 5.76 -7.36
C SER A 94 -14.92 4.40 -6.85
N ALA A 95 -15.60 4.39 -5.70
CA ALA A 95 -16.04 3.15 -5.08
C ALA A 95 -17.39 3.35 -4.41
N SER A 96 -18.24 2.33 -4.49
CA SER A 96 -19.54 2.37 -3.82
C SER A 96 -19.41 2.15 -2.31
N THR A 97 -18.40 1.39 -1.89
CA THR A 97 -18.20 1.06 -0.48
C THR A 97 -16.79 1.46 -0.07
N HIS A 98 -16.46 1.19 1.21
CA HIS A 98 -15.16 1.60 1.72
C HIS A 98 -14.02 0.77 1.14
N LYS A 99 -14.26 -0.51 0.88
CA LYS A 99 -13.26 -1.34 0.22
C LYS A 99 -13.14 -0.93 -1.25
N PHE A 100 -11.96 -0.43 -1.63
CA PHE A 100 -11.69 -0.08 -3.01
C PHE A 100 -11.19 -1.31 -3.77
N LEU A 101 -11.80 -1.58 -4.93
CA LEU A 101 -11.53 -2.77 -5.72
C LEU A 101 -10.61 -2.40 -6.88
N TYR A 102 -9.31 -2.65 -6.72
CA TYR A 102 -8.32 -2.37 -7.75
C TYR A 102 -8.07 -3.63 -8.57
N TYR A 103 -7.76 -3.43 -9.86
CA TYR A 103 -7.54 -4.56 -10.74
C TYR A 103 -6.60 -4.15 -11.88
N ASP A 104 -6.02 -5.16 -12.52
CA ASP A 104 -5.19 -4.96 -13.70
C ASP A 104 -6.11 -5.01 -14.91
N GLU A 105 -6.24 -3.87 -15.60
CA GLU A 105 -7.13 -3.81 -16.76
C GLU A 105 -6.59 -4.65 -17.93
N LYS A 106 -5.28 -4.88 -17.98
CA LYS A 106 -4.73 -5.73 -19.03
C LYS A 106 -5.14 -7.19 -18.83
N LYS A 107 -5.18 -7.65 -17.58
CA LYS A 107 -5.54 -9.03 -17.28
C LYS A 107 -7.03 -9.28 -17.30
N MET A 108 -7.86 -8.26 -17.54
CA MET A 108 -9.30 -8.50 -17.67
C MET A 108 -9.65 -9.33 -18.90
N ALA A 109 -8.72 -9.50 -19.83
CA ALA A 109 -8.99 -10.33 -21.00
C ALA A 109 -9.16 -11.80 -20.64
N ASN A 110 -8.56 -12.23 -19.53
CA ASN A 110 -8.58 -13.64 -19.14
C ASN A 110 -9.77 -14.02 -18.29
N PHE A 111 -10.44 -13.05 -17.66
CA PHE A 111 -11.54 -13.31 -16.73
C PHE A 111 -12.72 -12.40 -17.10
N GLN A 112 -13.47 -12.79 -18.14
CA GLN A 112 -14.64 -12.03 -18.53
C GLN A 112 -15.72 -12.08 -17.46
N ASN A 113 -15.76 -13.16 -16.67
CA ASN A 113 -16.67 -13.34 -15.54
C ASN A 113 -16.33 -12.46 -14.35
N PHE A 114 -15.47 -11.47 -14.53
CA PHE A 114 -15.06 -10.54 -13.48
C PHE A 114 -15.57 -9.16 -13.84
N LYS A 115 -16.43 -8.60 -12.98
CA LYS A 115 -16.98 -7.29 -13.23
C LYS A 115 -16.44 -6.28 -12.25
N PRO A 116 -15.94 -5.13 -12.73
CA PRO A 116 -15.37 -4.14 -11.82
C PRO A 116 -16.44 -3.40 -11.03
N ARG A 117 -16.10 -3.08 -9.77
CA ARG A 117 -16.95 -2.25 -8.92
C ARG A 117 -16.26 -0.97 -8.48
N SER A 118 -15.06 -0.69 -9.00
CA SER A 118 -14.33 0.53 -8.66
C SER A 118 -13.59 0.99 -9.92
N ASN A 119 -14.24 1.85 -10.70
CA ASN A 119 -13.71 2.30 -11.96
C ASN A 119 -12.85 3.55 -11.78
N ARG A 120 -11.83 3.66 -12.62
CA ARG A 120 -10.94 4.82 -12.66
C ARG A 120 -11.52 5.89 -13.58
N GLU A 121 -11.20 7.15 -13.27
CA GLU A 121 -11.63 8.26 -14.11
C GLU A 121 -10.56 9.34 -14.10
N GLU A 122 -10.09 9.72 -15.30
CA GLU A 122 -9.11 10.78 -15.43
C GLU A 122 -9.80 12.14 -15.38
N MET A 123 -9.23 13.05 -14.60
CA MET A 123 -9.82 14.38 -14.47
C MET A 123 -8.76 15.35 -13.97
N LYS A 124 -9.03 16.64 -14.12
CA LYS A 124 -8.17 17.68 -13.60
C LYS A 124 -8.35 17.81 -12.10
N PHE A 125 -7.33 18.35 -11.43
CA PHE A 125 -7.34 18.42 -9.98
C PHE A 125 -8.52 19.23 -9.47
N HIS A 126 -8.90 20.30 -10.17
CA HIS A 126 -10.03 21.09 -9.73
C HIS A 126 -11.34 20.33 -9.88
N GLU A 127 -11.42 19.40 -10.84
CA GLU A 127 -12.62 18.60 -11.00
C GLU A 127 -12.75 17.58 -9.87
N PHE A 128 -11.65 17.02 -9.42
CA PHE A 128 -11.68 16.07 -8.31
C PHE A 128 -12.10 16.75 -7.02
N VAL A 129 -11.67 17.99 -6.80
CA VAL A 129 -12.07 18.72 -5.61
C VAL A 129 -13.53 19.15 -5.71
N GLU A 130 -13.97 19.56 -6.90
CA GLU A 130 -15.38 19.87 -7.10
C GLU A 130 -16.25 18.64 -6.87
N LYS A 131 -15.85 17.50 -7.45
CA LYS A 131 -16.61 16.28 -7.27
C LYS A 131 -16.61 15.81 -5.83
N LEU A 132 -15.60 16.21 -5.04
CA LEU A 132 -15.51 15.77 -3.65
C LEU A 132 -16.50 16.52 -2.76
N GLN A 133 -16.46 17.85 -2.81
CA GLN A 133 -17.40 18.63 -2.01
C GLN A 133 -18.83 18.45 -2.49
N ASP A 134 -19.01 18.09 -3.76
CA ASP A 134 -20.34 17.74 -4.26
C ASP A 134 -20.92 16.55 -3.49
N ILE A 135 -20.10 15.53 -3.26
CA ILE A 135 -20.54 14.38 -2.48
C ILE A 135 -20.78 14.78 -1.02
N GLN A 136 -19.96 15.68 -0.49
CA GLN A 136 -20.05 16.00 0.93
C GLN A 136 -21.25 16.88 1.22
N GLN A 137 -21.57 17.83 0.33
CA GLN A 137 -22.74 18.66 0.55
C GLN A 137 -24.04 17.89 0.31
N ARG A 138 -24.00 16.90 -0.60
CA ARG A 138 -25.16 16.08 -0.90
C ARG A 138 -25.39 15.00 0.15
N GLY A 139 -24.45 14.81 1.08
CA GLY A 139 -24.58 13.74 2.05
C GLY A 139 -24.42 12.35 1.47
N GLY A 140 -23.91 12.25 0.25
CA GLY A 140 -23.77 10.97 -0.40
C GLY A 140 -22.76 10.08 0.31
N GLU A 141 -22.68 8.85 -0.18
CA GLU A 141 -21.80 7.84 0.38
C GLU A 141 -20.82 7.29 -0.64
N GLU A 142 -20.75 7.90 -1.82
CA GLU A 142 -19.74 7.52 -2.80
C GLU A 142 -18.38 8.01 -2.35
N ARG A 143 -17.36 7.18 -2.55
CA ARG A 143 -16.01 7.46 -2.10
C ARG A 143 -15.08 7.64 -3.30
N LEU A 144 -14.12 8.53 -3.16
CA LEU A 144 -13.12 8.79 -4.18
C LEU A 144 -11.73 8.57 -3.61
N TYR A 145 -10.80 8.17 -4.47
CA TYR A 145 -9.40 7.99 -4.08
C TYR A 145 -8.53 8.47 -5.24
N LEU A 146 -7.82 9.58 -5.03
CA LEU A 146 -6.91 10.10 -6.04
C LEU A 146 -5.56 9.40 -5.88
N GLN A 147 -5.10 8.78 -6.95
CA GLN A 147 -3.80 8.12 -6.99
C GLN A 147 -3.13 8.47 -8.30
N GLN A 148 -2.10 9.30 -8.26
CA GLN A 148 -1.48 9.81 -9.47
C GLN A 148 0.03 9.91 -9.29
N THR A 149 0.77 9.27 -10.19
CA THR A 149 2.21 9.43 -10.21
C THR A 149 2.58 10.87 -10.54
N LEU A 150 3.42 11.47 -9.71
CA LEU A 150 3.87 12.83 -9.98
C LEU A 150 4.77 12.85 -11.21
N ASN A 151 4.46 13.74 -12.16
CA ASN A 151 5.26 13.88 -13.36
C ASN A 151 5.88 15.27 -13.45
N ASP A 152 6.16 15.72 -14.68
CA ASP A 152 6.76 17.03 -14.87
C ASP A 152 5.73 18.12 -15.16
N THR A 153 4.47 17.75 -15.43
CA THR A 153 3.41 18.70 -15.71
C THR A 153 2.93 19.47 -14.48
N VAL A 154 3.70 19.43 -13.39
CA VAL A 154 3.29 19.98 -12.11
C VAL A 154 3.91 21.36 -11.93
N GLY A 155 3.18 22.24 -11.22
CA GLY A 155 3.58 23.63 -11.13
C GLY A 155 4.90 23.83 -10.42
N ARG A 156 5.47 25.01 -10.62
CA ARG A 156 6.80 25.31 -10.09
C ARG A 156 6.82 25.36 -8.56
N LYS A 157 5.73 25.83 -7.95
CA LYS A 157 5.70 25.88 -6.49
C LYS A 157 5.70 24.47 -5.89
N ILE A 158 5.03 23.53 -6.55
CA ILE A 158 5.14 22.14 -6.12
C ILE A 158 6.51 21.58 -6.47
N VAL A 159 7.13 22.08 -7.53
CA VAL A 159 8.45 21.60 -7.94
C VAL A 159 9.48 21.88 -6.84
N MET A 160 9.46 23.09 -6.29
CA MET A 160 10.44 23.41 -5.25
C MET A 160 10.11 22.71 -3.93
N ASP A 161 8.82 22.46 -3.66
CA ASP A 161 8.47 21.57 -2.55
C ASP A 161 9.12 20.21 -2.73
N PHE A 162 9.01 19.66 -3.94
CA PHE A 162 9.66 18.39 -4.28
C PHE A 162 11.17 18.47 -4.07
N LEU A 163 11.78 19.58 -4.50
CA LEU A 163 13.21 19.74 -4.30
C LEU A 163 13.58 19.81 -2.83
N GLY A 164 12.66 20.26 -1.97
CA GLY A 164 12.89 20.32 -0.55
C GLY A 164 12.80 18.99 0.18
N PHE A 165 12.54 17.90 -0.53
CA PHE A 165 12.51 16.61 0.12
C PHE A 165 13.91 16.22 0.59
N ASN A 166 13.97 15.38 1.63
CA ASN A 166 15.25 14.98 2.20
C ASN A 166 15.87 13.88 1.32
N TRP A 167 16.34 14.31 0.15
CA TRP A 167 16.98 13.39 -0.77
C TRP A 167 18.30 12.89 -0.21
N ASN A 168 18.98 13.69 0.61
CA ASN A 168 20.23 13.25 1.23
C ASN A 168 20.00 11.99 2.05
N TRP A 169 18.92 11.93 2.82
CA TRP A 169 18.67 10.77 3.66
C TRP A 169 18.22 9.57 2.82
N ILE A 170 17.23 9.78 1.94
CA ILE A 170 16.65 8.63 1.25
C ILE A 170 17.59 8.07 0.19
N ASN A 171 18.45 8.92 -0.39
CA ASN A 171 19.43 8.40 -1.34
C ASN A 171 20.48 7.55 -0.64
N LYS A 172 20.93 7.97 0.55
CA LYS A 172 21.83 7.14 1.34
C LYS A 172 21.19 5.80 1.68
N GLN A 173 19.88 5.81 1.96
CA GLN A 173 19.18 4.55 2.19
C GLN A 173 19.11 3.71 0.93
N GLN A 174 18.90 4.35 -0.23
CA GLN A 174 18.85 3.60 -1.48
C GLN A 174 20.19 2.97 -1.81
N GLY A 175 21.29 3.64 -1.47
CA GLY A 175 22.61 3.10 -1.71
C GLY A 175 23.03 2.08 -0.68
N LYS A 176 22.70 2.34 0.60
CA LYS A 176 23.11 1.44 1.67
C LYS A 176 22.41 0.10 1.60
N ARG A 177 21.26 0.01 0.93
CA ARG A 177 20.56 -1.26 0.75
C ARG A 177 20.82 -1.89 -0.61
N GLY A 178 21.52 -1.21 -1.51
CA GLY A 178 21.74 -1.75 -2.83
C GLY A 178 20.50 -1.79 -3.71
N TRP A 179 19.50 -0.99 -3.38
CA TRP A 179 18.26 -0.98 -4.15
C TRP A 179 18.49 -0.39 -5.54
N GLY A 180 17.59 -0.76 -6.45
CA GLY A 180 17.49 -0.06 -7.71
C GLY A 180 17.05 1.36 -7.50
N GLN A 181 17.06 2.12 -8.60
CA GLN A 181 16.74 3.54 -8.51
C GLN A 181 15.25 3.74 -8.27
N LEU A 182 14.90 4.96 -7.86
CA LEU A 182 13.52 5.33 -7.65
C LEU A 182 12.72 5.15 -8.95
N THR A 183 11.59 4.46 -8.86
CA THR A 183 10.79 4.19 -10.05
C THR A 183 9.65 5.17 -10.23
N SER A 184 8.97 5.56 -9.14
CA SER A 184 7.89 6.54 -9.26
C SER A 184 7.59 7.11 -7.89
N ASN A 185 6.94 8.28 -7.90
CA ASN A 185 6.37 8.91 -6.71
C ASN A 185 4.86 8.94 -6.89
N LEU A 186 4.14 8.26 -6.00
CA LEU A 186 2.69 8.20 -6.07
C LEU A 186 2.08 9.16 -5.04
N LEU A 187 1.24 10.08 -5.51
CA LEU A 187 0.47 10.93 -4.62
C LEU A 187 -0.87 10.26 -4.32
N LEU A 188 -1.21 10.18 -3.04
CA LEU A 188 -2.44 9.54 -2.59
C LEU A 188 -3.24 10.54 -1.77
N ILE A 189 -4.42 10.92 -2.26
CA ILE A 189 -5.36 11.76 -1.53
C ILE A 189 -6.65 10.97 -1.40
N GLY A 190 -6.94 10.53 -0.18
CA GLY A 190 -8.11 9.70 0.05
C GLY A 190 -9.08 10.33 1.04
N MET A 191 -10.34 9.88 0.98
CA MET A 191 -11.35 10.31 1.93
C MET A 191 -11.27 9.48 3.20
N GLU A 192 -11.78 10.05 4.29
CA GLU A 192 -11.83 9.34 5.57
C GLU A 192 -12.60 8.04 5.42
N GLY A 193 -12.10 6.99 6.05
CA GLY A 193 -12.72 5.69 5.98
C GLY A 193 -12.35 4.84 4.78
N ASN A 194 -11.63 5.39 3.81
CA ASN A 194 -11.24 4.62 2.64
C ASN A 194 -10.30 3.48 3.03
N VAL A 195 -10.43 2.36 2.32
CA VAL A 195 -9.69 1.15 2.62
C VAL A 195 -9.05 0.65 1.33
N THR A 196 -7.72 0.52 1.33
CA THR A 196 -7.01 -0.24 0.31
C THR A 196 -6.80 -1.65 0.85
N PRO A 197 -7.58 -2.64 0.41
CA PRO A 197 -7.52 -3.96 1.05
C PRO A 197 -6.17 -4.63 0.87
N ALA A 198 -5.93 -5.64 1.70
CA ALA A 198 -4.61 -6.25 1.84
C ALA A 198 -4.06 -6.73 0.50
N HIS A 199 -2.79 -6.41 0.26
CA HIS A 199 -2.08 -6.85 -0.93
C HIS A 199 -0.59 -6.69 -0.66
N TYR A 200 0.22 -7.28 -1.53
CA TYR A 200 1.66 -7.12 -1.45
C TYR A 200 2.19 -6.48 -2.74
N ASP A 201 3.25 -5.70 -2.59
CA ASP A 201 3.92 -5.05 -3.71
C ASP A 201 5.28 -5.70 -3.94
N GLU A 202 5.79 -5.53 -5.15
CA GLU A 202 7.05 -6.16 -5.54
C GLU A 202 8.23 -5.20 -5.47
N GLN A 203 8.04 -3.98 -4.98
CA GLN A 203 9.13 -3.03 -4.82
C GLN A 203 9.24 -2.58 -3.37
N GLN A 204 10.37 -1.95 -3.05
CA GLN A 204 10.56 -1.35 -1.74
C GLN A 204 9.81 -0.03 -1.67
N ASN A 205 9.16 0.22 -0.54
CA ASN A 205 8.28 1.38 -0.40
C ASN A 205 8.64 2.17 0.85
N PHE A 206 8.84 3.48 0.66
CA PHE A 206 8.87 4.43 1.76
C PHE A 206 7.55 5.19 1.75
N PHE A 207 6.72 4.91 2.74
CA PHE A 207 5.37 5.45 2.88
C PHE A 207 5.47 6.75 3.67
N ALA A 208 5.35 7.89 2.99
CA ALA A 208 5.56 9.21 3.59
C ALA A 208 4.23 9.91 3.79
N GLN A 209 3.76 9.95 5.04
CA GLN A 209 2.45 10.51 5.35
C GLN A 209 2.54 12.03 5.49
N ILE A 210 1.52 12.71 4.98
CA ILE A 210 1.56 14.16 4.85
C ILE A 210 0.43 14.81 5.63
N LYS A 211 -0.81 14.45 5.29
CA LYS A 211 -1.99 15.02 5.93
C LYS A 211 -2.91 13.88 6.35
N GLY A 212 -3.50 14.02 7.54
CA GLY A 212 -4.37 12.99 8.06
C GLY A 212 -3.61 11.79 8.60
N TYR A 213 -4.36 10.84 9.13
CA TYR A 213 -3.79 9.65 9.72
C TYR A 213 -4.27 8.41 8.98
N LYS A 214 -3.37 7.45 8.80
CA LYS A 214 -3.67 6.19 8.15
C LYS A 214 -3.27 5.05 9.06
N ARG A 215 -4.16 4.08 9.23
CA ARG A 215 -3.84 2.85 9.94
C ARG A 215 -3.27 1.85 8.96
N CYS A 216 -2.08 1.33 9.27
CA CYS A 216 -1.36 0.42 8.41
C CYS A 216 -1.23 -0.92 9.11
N ILE A 217 -1.76 -1.97 8.48
CA ILE A 217 -1.67 -3.34 8.98
C ILE A 217 -0.86 -4.14 7.99
N LEU A 218 0.27 -4.68 8.45
CA LEU A 218 1.21 -5.40 7.59
C LEU A 218 1.31 -6.86 8.01
N PHE A 219 1.46 -7.73 7.02
CA PHE A 219 1.66 -9.15 7.23
C PHE A 219 2.93 -9.60 6.52
N PRO A 220 3.83 -10.30 7.20
CA PRO A 220 5.09 -10.71 6.56
C PRO A 220 4.85 -11.71 5.45
N PRO A 221 5.80 -11.86 4.52
CA PRO A 221 5.58 -12.76 3.38
C PRO A 221 5.33 -14.21 3.77
N ASP A 222 5.79 -14.66 4.94
CA ASP A 222 5.62 -16.05 5.31
C ASP A 222 4.18 -16.40 5.67
N GLN A 223 3.26 -15.43 5.65
CA GLN A 223 1.84 -15.69 5.88
C GLN A 223 1.07 -15.76 4.57
N PHE A 224 1.75 -16.12 3.49
CA PHE A 224 1.11 -16.32 2.19
C PHE A 224 -0.10 -17.25 2.28
N GLU A 225 0.07 -18.39 2.94
CA GLU A 225 -1.00 -19.39 3.00
C GLU A 225 -2.13 -19.00 3.95
N CYS A 226 -2.00 -17.89 4.67
CA CYS A 226 -3.08 -17.35 5.47
C CYS A 226 -3.93 -16.33 4.72
N LEU A 227 -3.42 -15.77 3.62
CA LEU A 227 -4.01 -14.61 2.98
C LEU A 227 -4.52 -14.85 1.57
N TYR A 228 -4.27 -16.03 0.99
CA TYR A 228 -4.93 -16.53 -0.22
C TYR A 228 -5.01 -15.50 -1.34
N PRO A 229 -3.90 -15.14 -1.97
CA PRO A 229 -3.98 -14.18 -3.08
C PRO A 229 -4.65 -14.76 -4.30
N TYR A 230 -5.23 -13.89 -5.12
CA TYR A 230 -5.85 -14.31 -6.37
C TYR A 230 -4.82 -15.01 -7.24
N PRO A 231 -5.28 -15.81 -8.21
CA PRO A 231 -4.35 -16.38 -9.19
C PRO A 231 -3.55 -15.27 -9.88
N VAL A 232 -2.32 -15.60 -10.27
CA VAL A 232 -1.43 -14.59 -10.83
C VAL A 232 -2.04 -13.97 -12.10
N HIS A 233 -2.77 -14.76 -12.88
CA HIS A 233 -3.41 -14.23 -14.09
C HIS A 233 -4.70 -13.49 -13.81
N HIS A 234 -5.22 -13.54 -12.58
CA HIS A 234 -6.44 -12.83 -12.27
C HIS A 234 -6.18 -11.32 -12.21
N PRO A 235 -7.13 -10.50 -12.65
CA PRO A 235 -6.95 -9.05 -12.57
C PRO A 235 -6.63 -8.55 -11.16
N CYS A 236 -6.99 -9.29 -10.12
CA CYS A 236 -6.65 -8.92 -8.75
C CYS A 236 -5.40 -9.61 -8.24
N ASP A 237 -4.51 -10.02 -9.14
CA ASP A 237 -3.20 -10.55 -8.79
C ASP A 237 -2.54 -9.69 -7.71
N ARG A 238 -2.04 -10.35 -6.66
CA ARG A 238 -1.31 -9.81 -5.51
C ARG A 238 -2.25 -9.31 -4.41
N GLN A 239 -3.57 -9.40 -4.59
CA GLN A 239 -4.52 -9.00 -3.55
C GLN A 239 -5.08 -10.24 -2.86
N SER A 240 -5.37 -10.08 -1.57
CA SER A 240 -5.98 -11.15 -0.79
C SER A 240 -7.43 -11.36 -1.23
N GLN A 241 -7.81 -12.63 -1.37
CA GLN A 241 -9.20 -12.98 -1.62
C GLN A 241 -10.06 -12.87 -0.37
N VAL A 242 -9.44 -12.80 0.81
CA VAL A 242 -10.18 -12.78 2.05
C VAL A 242 -10.83 -11.42 2.24
N ASP A 243 -12.14 -11.41 2.44
CA ASP A 243 -12.84 -10.20 2.84
C ASP A 243 -12.58 -9.96 4.32
N PHE A 244 -11.75 -8.96 4.63
CA PHE A 244 -11.40 -8.70 6.02
C PHE A 244 -12.62 -8.37 6.86
N ASP A 245 -13.68 -7.83 6.25
CA ASP A 245 -14.89 -7.48 6.97
C ASP A 245 -15.81 -8.67 7.18
N ASN A 246 -15.68 -9.71 6.36
CA ASN A 246 -16.52 -10.92 6.49
C ASN A 246 -15.71 -12.13 6.03
N PRO A 247 -14.73 -12.56 6.85
CA PRO A 247 -13.82 -13.63 6.41
C PRO A 247 -14.53 -14.97 6.31
N ASP A 248 -14.49 -15.57 5.11
CA ASP A 248 -15.09 -16.88 4.84
C ASP A 248 -14.10 -17.94 5.33
N TYR A 249 -14.30 -18.39 6.57
CA TYR A 249 -13.37 -19.35 7.16
C TYR A 249 -13.45 -20.72 6.51
N GLU A 250 -14.52 -21.02 5.78
CA GLU A 250 -14.61 -22.30 5.08
C GLU A 250 -13.76 -22.32 3.81
N ARG A 251 -13.62 -21.19 3.13
CA ARG A 251 -12.76 -21.10 1.96
C ARG A 251 -11.32 -20.75 2.33
N PHE A 252 -11.13 -20.00 3.41
CA PHE A 252 -9.81 -19.48 3.80
C PHE A 252 -9.52 -19.83 5.26
N PRO A 253 -9.42 -21.12 5.58
CA PRO A 253 -9.31 -21.51 6.99
C PRO A 253 -8.06 -20.99 7.69
N ASN A 254 -6.94 -20.83 6.97
CA ASN A 254 -5.72 -20.35 7.59
C ASN A 254 -5.78 -18.87 7.92
N PHE A 255 -6.83 -18.16 7.50
CA PHE A 255 -6.99 -16.77 7.93
C PHE A 255 -7.26 -16.68 9.43
N GLN A 256 -7.69 -17.76 10.06
CA GLN A 256 -7.82 -17.80 11.51
C GLN A 256 -6.47 -17.85 12.21
N ASN A 257 -5.38 -17.99 11.46
CA ASN A 257 -4.03 -17.99 12.01
C ASN A 257 -3.26 -16.73 11.69
N VAL A 258 -3.83 -15.83 10.90
CA VAL A 258 -3.10 -14.64 10.48
C VAL A 258 -2.87 -13.73 11.67
N VAL A 259 -1.70 -13.07 11.68
CA VAL A 259 -1.32 -12.12 12.72
C VAL A 259 -0.58 -10.97 12.04
N GLY A 260 -1.04 -9.75 12.25
CA GLY A 260 -0.51 -8.61 11.55
C GLY A 260 0.40 -7.74 12.41
N TYR A 261 1.05 -6.79 11.73
CA TYR A 261 1.80 -5.72 12.37
C TYR A 261 1.04 -4.42 12.12
N GLU A 262 0.81 -3.65 13.17
CA GLU A 262 -0.08 -2.51 13.10
C GLU A 262 0.62 -1.22 13.53
N THR A 263 0.27 -0.12 12.89
CA THR A 263 0.70 1.21 13.31
C THR A 263 -0.23 2.24 12.69
N VAL A 264 -0.19 3.45 13.26
CA VAL A 264 -0.91 4.60 12.73
C VAL A 264 0.11 5.69 12.40
N VAL A 265 0.24 6.03 11.13
CA VAL A 265 1.17 7.06 10.69
C VAL A 265 0.44 8.38 10.58
N GLY A 266 1.11 9.46 10.99
CA GLY A 266 0.58 10.80 10.87
C GLY A 266 1.49 11.67 10.05
N PRO A 267 1.20 12.97 10.01
CA PRO A 267 2.04 13.90 9.26
C PRO A 267 3.48 13.86 9.74
N GLY A 268 4.41 13.67 8.79
CA GLY A 268 5.82 13.58 9.10
C GLY A 268 6.34 12.18 9.33
N ASP A 269 5.46 11.22 9.57
CA ASP A 269 5.88 9.83 9.75
C ASP A 269 6.20 9.19 8.40
N VAL A 270 7.19 8.29 8.41
CA VAL A 270 7.57 7.54 7.23
C VAL A 270 7.60 6.07 7.60
N LEU A 271 6.82 5.26 6.89
CA LEU A 271 6.72 3.83 7.14
C LEU A 271 7.46 3.07 6.04
N TYR A 272 8.42 2.24 6.43
CA TYR A 272 9.09 1.35 5.49
C TYR A 272 8.27 0.08 5.36
N ILE A 273 7.61 -0.09 4.22
CA ILE A 273 6.92 -1.33 3.88
C ILE A 273 7.88 -2.17 3.05
N PRO A 274 8.49 -3.23 3.60
CA PRO A 274 9.44 -4.02 2.83
C PRO A 274 8.76 -4.69 1.64
N MET A 275 9.58 -5.08 0.68
N MET A 275 9.57 -5.05 0.65
CA MET A 275 9.10 -5.73 -0.53
CA MET A 275 9.04 -5.68 -0.54
C MET A 275 8.41 -7.05 -0.18
C MET A 275 8.41 -7.03 -0.20
N TYR A 276 7.33 -7.37 -0.90
CA TYR A 276 6.54 -8.58 -0.74
C TYR A 276 5.81 -8.65 0.59
N TRP A 277 5.79 -7.58 1.38
CA TRP A 277 5.02 -7.56 2.61
C TRP A 277 3.58 -7.16 2.32
N TRP A 278 2.64 -7.95 2.81
CA TRP A 278 1.23 -7.57 2.73
C TRP A 278 0.98 -6.30 3.52
N HIS A 279 0.05 -5.49 3.04
CA HIS A 279 -0.35 -4.33 3.83
C HIS A 279 -1.81 -3.98 3.56
N HIS A 280 -2.50 -3.62 4.63
CA HIS A 280 -3.88 -3.15 4.62
C HIS A 280 -3.86 -1.72 5.14
N ILE A 281 -4.23 -0.77 4.28
CA ILE A 281 -4.13 0.66 4.60
C ILE A 281 -5.53 1.25 4.60
N GLU A 282 -5.91 1.86 5.72
CA GLU A 282 -7.20 2.52 5.83
C GLU A 282 -7.02 3.91 6.40
N SER A 283 -7.74 4.87 5.82
CA SER A 283 -7.79 6.23 6.35
C SER A 283 -8.76 6.25 7.52
N LEU A 284 -8.33 6.86 8.63
CA LEU A 284 -9.10 6.76 9.86
C LEU A 284 -10.51 7.29 9.68
N LEU A 285 -11.47 6.61 10.31
CA LEU A 285 -12.85 7.06 10.31
C LEU A 285 -12.95 8.44 10.94
N ASN A 286 -13.69 9.33 10.27
CA ASN A 286 -13.95 10.69 10.77
C ASN A 286 -12.66 11.47 11.00
N GLY A 287 -11.62 11.19 10.21
CA GLY A 287 -10.35 11.86 10.33
C GLY A 287 -10.05 12.87 9.25
N GLY A 288 -10.98 13.10 8.32
CA GLY A 288 -10.73 14.00 7.23
C GLY A 288 -10.01 13.30 6.09
N ILE A 289 -9.56 14.12 5.15
CA ILE A 289 -8.84 13.59 4.01
C ILE A 289 -7.41 13.23 4.42
N THR A 290 -6.85 12.25 3.74
CA THR A 290 -5.47 11.85 3.97
C THR A 290 -4.62 12.15 2.73
N ILE A 291 -3.36 12.47 2.97
CA ILE A 291 -2.40 12.74 1.91
C ILE A 291 -1.15 11.93 2.17
N THR A 292 -0.71 11.18 1.17
CA THR A 292 0.47 10.35 1.26
C THR A 292 1.25 10.45 -0.04
N VAL A 293 2.57 10.38 0.06
CA VAL A 293 3.45 10.21 -1.10
C VAL A 293 4.29 8.96 -0.87
N ASN A 294 4.33 8.08 -1.85
CA ASN A 294 5.12 6.86 -1.79
C ASN A 294 6.38 7.00 -2.63
N PHE A 295 7.47 6.40 -2.14
CA PHE A 295 8.73 6.33 -2.86
C PHE A 295 8.98 4.85 -3.14
N TRP A 296 8.98 4.48 -4.42
N TRP A 296 8.95 4.46 -4.41
CA TRP A 296 9.12 3.09 -4.86
CA TRP A 296 9.12 3.06 -4.78
C TRP A 296 10.53 2.87 -5.40
C TRP A 296 10.47 2.82 -5.42
N TYR A 297 11.21 1.86 -4.86
CA TYR A 297 12.51 1.46 -5.35
C TYR A 297 12.47 -0.03 -5.68
N LYS A 298 13.04 -0.40 -6.82
CA LYS A 298 13.17 -1.82 -7.12
C LYS A 298 14.17 -2.44 -6.14
N GLY A 299 13.82 -3.62 -5.63
CA GLY A 299 14.66 -4.28 -4.65
C GLY A 299 16.05 -4.55 -5.18
N ALA A 300 16.96 -4.84 -4.25
CA ALA A 300 18.33 -5.15 -4.65
C ALA A 300 18.35 -6.41 -5.51
N PRO A 301 19.22 -6.49 -6.51
CA PRO A 301 19.24 -7.66 -7.38
C PRO A 301 19.54 -8.94 -6.60
N THR A 302 18.91 -10.03 -7.01
CA THR A 302 19.10 -11.31 -6.34
C THR A 302 20.56 -11.72 -6.43
N PRO A 303 21.18 -12.14 -5.33
CA PRO A 303 22.63 -12.40 -5.35
C PRO A 303 22.98 -13.61 -6.20
N LYS A 304 24.27 -13.70 -6.53
CA LYS A 304 24.74 -14.78 -7.40
C LYS A 304 24.71 -16.12 -6.68
N ARG A 305 25.40 -16.21 -5.54
CA ARG A 305 25.43 -17.45 -4.76
C ARG A 305 24.10 -17.65 -4.06
N ILE A 306 23.32 -18.64 -4.51
CA ILE A 306 22.03 -18.94 -3.91
C ILE A 306 22.25 -19.56 -2.54
N GLU A 307 21.72 -18.92 -1.50
CA GLU A 307 21.94 -19.33 -0.12
C GLU A 307 20.65 -19.87 0.47
N TYR A 308 20.73 -21.03 1.10
CA TYR A 308 19.60 -21.69 1.72
C TYR A 308 19.67 -21.58 3.24
N PRO A 309 18.53 -21.56 3.94
CA PRO A 309 17.17 -21.67 3.40
C PRO A 309 16.73 -20.41 2.66
N LEU A 310 15.74 -20.54 1.80
CA LEU A 310 15.25 -19.40 1.04
C LEU A 310 14.42 -18.49 1.92
N LYS A 311 14.46 -17.19 1.61
CA LYS A 311 13.56 -16.25 2.26
C LYS A 311 12.13 -16.51 1.80
N ALA A 312 11.17 -16.15 2.67
CA ALA A 312 9.77 -16.37 2.34
C ALA A 312 9.39 -15.70 1.03
N HIS A 313 9.90 -14.48 0.79
CA HIS A 313 9.53 -13.78 -0.43
C HIS A 313 10.12 -14.45 -1.66
N GLN A 314 11.26 -15.13 -1.52
CA GLN A 314 11.82 -15.87 -2.65
C GLN A 314 10.92 -17.02 -3.07
N LYS A 315 10.30 -17.70 -2.10
CA LYS A 315 9.34 -18.75 -2.43
C LYS A 315 8.07 -18.17 -3.05
N VAL A 316 7.68 -16.97 -2.64
CA VAL A 316 6.54 -16.31 -3.28
C VAL A 316 6.84 -16.03 -4.74
N ALA A 317 8.07 -15.58 -5.04
CA ALA A 317 8.45 -15.36 -6.42
C ALA A 317 8.46 -16.65 -7.22
N ILE A 318 8.83 -17.77 -6.58
CA ILE A 318 8.85 -19.05 -7.26
C ILE A 318 7.45 -19.47 -7.67
N MET A 319 6.49 -19.34 -6.76
CA MET A 319 5.10 -19.69 -7.08
C MET A 319 4.54 -18.77 -8.14
N ARG A 320 4.91 -17.49 -8.10
CA ARG A 320 4.45 -16.56 -9.14
C ARG A 320 4.92 -17.02 -10.51
N ASN A 321 6.18 -17.44 -10.63
CA ASN A 321 6.72 -17.76 -11.93
C ASN A 321 6.23 -19.11 -12.44
N ILE A 322 6.00 -20.07 -11.55
CA ILE A 322 5.41 -21.33 -11.98
C ILE A 322 4.04 -21.08 -12.60
N GLU A 323 3.22 -20.25 -11.94
CA GLU A 323 1.91 -19.92 -12.49
C GLU A 323 2.05 -19.22 -13.84
N LYS A 324 2.92 -18.21 -13.91
CA LYS A 324 3.09 -17.46 -15.15
C LYS A 324 3.55 -18.36 -16.28
N MET A 325 4.60 -19.15 -16.05
CA MET A 325 5.15 -20.00 -17.10
C MET A 325 4.16 -21.08 -17.51
N LEU A 326 3.41 -21.62 -16.55
CA LEU A 326 2.38 -22.60 -16.88
C LEU A 326 1.29 -22.00 -17.74
N GLY A 327 0.95 -20.72 -17.51
CA GLY A 327 -0.05 -20.08 -18.34
C GLY A 327 0.40 -19.93 -19.78
N GLU A 328 1.68 -19.61 -20.00
CA GLU A 328 2.20 -19.50 -21.35
C GLU A 328 2.38 -20.85 -22.01
N ALA A 329 2.73 -21.88 -21.23
CA ALA A 329 2.98 -23.19 -21.80
C ALA A 329 1.68 -23.84 -22.27
N LEU A 330 0.61 -23.71 -21.49
CA LEU A 330 -0.67 -24.30 -21.85
C LEU A 330 -1.45 -23.46 -22.85
N GLY A 331 -1.02 -22.22 -23.10
CA GLY A 331 -1.68 -21.35 -24.06
C GLY A 331 -2.91 -20.64 -23.53
N ASN A 332 -3.33 -20.92 -22.31
CA ASN A 332 -4.54 -20.34 -21.75
C ASN A 332 -4.41 -20.32 -20.24
N PRO A 333 -4.49 -19.14 -19.61
CA PRO A 333 -4.33 -19.08 -18.14
C PRO A 333 -5.42 -19.84 -17.38
N GLN A 334 -6.57 -20.10 -18.00
CA GLN A 334 -7.65 -20.75 -17.28
C GLN A 334 -7.40 -22.24 -17.05
N GLU A 335 -6.46 -22.84 -17.78
CA GLU A 335 -6.08 -24.23 -17.58
C GLU A 335 -5.01 -24.40 -16.51
N VAL A 336 -4.50 -23.30 -15.95
CA VAL A 336 -3.47 -23.41 -14.92
C VAL A 336 -4.01 -24.15 -13.70
N GLY A 337 -5.23 -23.82 -13.28
CA GLY A 337 -5.83 -24.42 -12.12
C GLY A 337 -5.95 -25.92 -12.19
N PRO A 338 -6.71 -26.42 -13.18
CA PRO A 338 -6.91 -27.87 -13.28
C PRO A 338 -5.63 -28.67 -13.42
N LEU A 339 -4.60 -28.14 -14.10
CA LEU A 339 -3.36 -28.88 -14.22
C LEU A 339 -2.64 -28.98 -12.88
N LEU A 340 -2.66 -27.90 -12.10
CA LEU A 340 -2.04 -27.94 -10.78
C LEU A 340 -2.74 -28.94 -9.86
N ASN A 341 -4.08 -28.98 -9.90
CA ASN A 341 -4.80 -29.97 -9.11
C ASN A 341 -4.48 -31.38 -9.58
N THR A 342 -4.54 -31.62 -10.89
CA THR A 342 -4.11 -32.89 -11.45
C THR A 342 -2.73 -33.27 -10.95
N MET A 343 -1.83 -32.29 -10.84
CA MET A 343 -0.46 -32.56 -10.44
C MET A 343 -0.34 -32.99 -8.97
N ILE A 344 -1.19 -32.45 -8.08
CA ILE A 344 -1.02 -32.70 -6.67
C ILE A 344 -2.06 -33.66 -6.10
N LYS A 345 -3.27 -33.71 -6.66
CA LYS A 345 -4.34 -34.53 -6.08
C LYS A 345 -3.91 -35.99 -5.98
N GLY A 346 -3.85 -36.51 -4.76
CA GLY A 346 -3.42 -37.86 -4.53
C GLY A 346 -1.95 -38.11 -4.77
N ARG A 347 -1.16 -37.06 -4.99
CA ARG A 347 0.28 -37.19 -5.20
C ARG A 347 1.10 -36.38 -4.20
N TYR A 348 0.68 -35.16 -3.87
CA TYR A 348 1.41 -34.35 -2.89
C TYR A 348 0.55 -33.91 -1.72
N ASN A 349 -0.73 -34.25 -1.70
CA ASN A 349 -1.57 -34.00 -0.53
C ASN A 349 -1.98 -35.32 0.12
#